data_6QBU
#
_entry.id   6QBU
#
_cell.length_a   50.548
_cell.length_b   57.551
_cell.length_c   74.594
_cell.angle_alpha   90.00
_cell.angle_beta   90.00
_cell.angle_gamma   90.00
#
_symmetry.space_group_name_H-M   'P 21 21 21'
#
loop_
_entity.id
_entity.type
_entity.pdbx_description
1 polymer 'Chymotrypsin-like elastase family member 1'
2 non-polymer ~{N}-[[1-[(4-chlorophenyl)methyl]-1,2,3-triazol-4-yl]methyl]-2-hydrosulfonyl-2-methyl-propanamide
3 non-polymer 'PHOSPHATE ION'
4 non-polymer (4S)-2-METHYL-2,4-PENTANEDIOL
5 non-polymer 'SODIUM ION'
6 water water
#
_entity_poly.entity_id   1
_entity_poly.type   'polypeptide(L)'
_entity_poly.pdbx_seq_one_letter_code
;VVGGTEAQRNSWPSQISLQYRSGSSWAHTCGGTLIRQNWVMTAAHCVDRELTFRVVVGEHNLNQNDGTEQYVGVQKIVVH
PYWNTDDVAAGYDIALLRLAQSVTLNSYVQLGVLPRAGTILANNSPCYITGWGLTRTNGQLAQTLQQAYLPTVDYAICSS
SSYWGSTVKNSMVCAGGDGVRSGCQGDSGGPLHCLVNGQYAVHGVTSFVSRLGCNVTRKPTVFTRVSAYISWINNVIASN
;
_entity_poly.pdbx_strand_id   A
#
# COMPACT_ATOMS: atom_id res chain seq x y z
N VAL A 1 5.43 7.80 -5.31
CA VAL A 1 5.44 7.22 -6.66
C VAL A 1 6.34 8.03 -7.57
N VAL A 2 7.36 7.38 -8.09
CA VAL A 2 8.26 7.95 -9.09
C VAL A 2 7.73 7.66 -10.48
N GLY A 3 7.74 8.66 -11.34
CA GLY A 3 7.28 8.43 -12.69
C GLY A 3 5.79 8.22 -12.82
N GLY A 4 5.02 8.76 -11.87
CA GLY A 4 3.59 8.64 -11.90
C GLY A 4 2.93 9.79 -12.63
N THR A 5 1.60 9.75 -12.64
CA THR A 5 0.76 10.86 -13.06
C THR A 5 -0.23 11.16 -11.93
N GLU A 6 -0.73 12.37 -11.91
CA GLU A 6 -1.71 12.72 -10.88
C GLU A 6 -3.00 11.93 -11.13
N ALA A 7 -3.49 11.26 -10.09
CA ALA A 7 -4.73 10.51 -10.22
C ALA A 7 -5.90 11.47 -10.28
N GLN A 8 -6.95 11.06 -10.99
CA GLN A 8 -8.21 11.77 -10.89
C GLN A 8 -8.79 11.59 -9.49
N ARG A 9 -9.53 12.60 -9.05
CA ARG A 9 -10.01 12.70 -7.67
C ARG A 9 -10.81 11.47 -7.22
N ASN A 10 -11.58 10.84 -8.11
CA ASN A 10 -12.49 9.77 -7.72
C ASN A 10 -12.03 8.38 -8.20
N SER A 11 -10.76 8.23 -8.56
CA SER A 11 -10.36 6.99 -9.22
CA SER A 11 -10.33 6.99 -9.22
C SER A 11 -10.08 5.86 -8.24
N TRP A 12 -9.52 6.16 -7.07
CA TRP A 12 -9.01 5.14 -6.15
C TRP A 12 -9.59 5.39 -4.77
N PRO A 13 -10.90 5.23 -4.62
CA PRO A 13 -11.57 5.68 -3.39
C PRO A 13 -11.29 4.83 -2.17
N SER A 14 -10.58 3.71 -2.29
CA SER A 14 -10.19 2.95 -1.11
C SER A 14 -8.84 3.38 -0.57
N GLN A 15 -8.09 4.19 -1.30
CA GLN A 15 -6.80 4.65 -0.82
C GLN A 15 -6.98 5.53 0.40
N ILE A 16 -6.17 5.29 1.43
CA ILE A 16 -6.15 6.15 2.60
C ILE A 16 -4.74 6.67 2.83
N SER A 17 -4.66 7.75 3.60
CA SER A 17 -3.41 8.31 4.08
C SER A 17 -3.31 8.02 5.57
N LEU A 18 -2.22 7.36 5.96
CA LEU A 18 -1.95 7.06 7.37
C LEU A 18 -0.96 8.10 7.86
N GLN A 19 -1.37 8.84 8.88
CA GLN A 19 -0.60 9.99 9.34
C GLN A 19 -0.30 9.84 10.81
N TYR A 20 0.80 10.43 11.25
CA TYR A 20 1.14 10.45 12.66
C TYR A 20 1.28 11.89 13.17
N ARG A 21 1.08 12.08 14.48
CA ARG A 21 1.13 13.42 15.01
C ARG A 21 2.57 13.91 15.06
N SER A 22 2.78 15.14 14.58
CA SER A 22 4.09 15.75 14.50
C SER A 22 3.88 17.18 15.01
N GLY A 23 4.32 17.43 16.25
CA GLY A 23 4.13 18.72 16.88
C GLY A 23 2.66 18.99 17.10
N SER A 24 2.18 20.10 16.54
CA SER A 24 0.78 20.46 16.61
C SER A 24 0.00 19.96 15.41
N SER A 25 0.65 19.23 14.51
CA SER A 25 0.04 18.87 13.23
C SER A 25 0.26 17.39 12.95
N TRP A 26 0.20 17.05 11.67
CA TRP A 26 0.17 15.67 11.24
C TRP A 26 1.09 15.52 10.04
N ALA A 27 1.68 14.34 9.91
CA ALA A 27 2.58 14.04 8.81
C ALA A 27 2.16 12.72 8.19
N HIS A 28 2.08 12.70 6.87
CA HIS A 28 1.81 11.46 6.15
C HIS A 28 3.02 10.54 6.25
N THR A 29 2.78 9.26 6.58
CA THR A 29 3.86 8.28 6.62
C THR A 29 3.65 7.08 5.71
N CYS A 30 2.40 6.71 5.43
CA CYS A 30 2.12 5.48 4.71
C CYS A 30 0.76 5.59 4.05
N GLY A 31 0.55 4.76 3.04
CA GLY A 31 -0.77 4.51 2.53
C GLY A 31 -1.46 3.36 3.25
N GLY A 32 -2.67 3.08 2.78
CA GLY A 32 -3.45 1.94 3.22
C GLY A 32 -4.65 1.81 2.33
N THR A 33 -5.43 0.76 2.58
CA THR A 33 -6.65 0.45 1.85
C THR A 33 -7.77 0.28 2.85
N LEU A 34 -8.86 1.02 2.64
CA LEU A 34 -10.08 0.82 3.41
C LEU A 34 -10.71 -0.49 2.95
N ILE A 35 -10.86 -1.44 3.88
CA ILE A 35 -11.45 -2.73 3.54
C ILE A 35 -12.80 -3.00 4.22
N ARG A 36 -13.11 -2.33 5.33
CA ARG A 36 -14.46 -2.24 5.89
C ARG A 36 -14.65 -0.78 6.29
N GLN A 37 -15.89 -0.40 6.62
CA GLN A 37 -16.10 0.98 7.03
C GLN A 37 -15.28 1.34 8.26
N ASN A 38 -14.84 0.34 9.03
CA ASN A 38 -14.04 0.60 10.23
C ASN A 38 -12.74 -0.19 10.26
N TRP A 39 -12.22 -0.61 9.10
CA TRP A 39 -10.95 -1.33 9.05
C TRP A 39 -10.12 -0.88 7.85
N VAL A 40 -8.84 -0.66 8.12
CA VAL A 40 -7.84 -0.33 7.11
C VAL A 40 -6.77 -1.40 7.10
N MET A 41 -6.37 -1.81 5.88
CA MET A 41 -5.26 -2.71 5.64
C MET A 41 -4.02 -1.88 5.26
N THR A 42 -2.92 -2.09 5.97
CA THR A 42 -1.67 -1.36 5.69
C THR A 42 -0.53 -2.34 5.89
N ALA A 43 0.71 -1.84 5.82
CA ALA A 43 1.87 -2.67 6.09
C ALA A 43 2.17 -2.66 7.57
N ALA A 44 2.65 -3.79 8.09
CA ALA A 44 3.07 -3.85 9.48
C ALA A 44 4.17 -2.84 9.79
N HIS A 45 5.11 -2.63 8.87
CA HIS A 45 6.22 -1.76 9.19
C HIS A 45 5.79 -0.31 9.35
N CYS A 46 4.62 0.06 8.81
CA CYS A 46 4.12 1.42 8.97
C CYS A 46 3.78 1.76 10.42
N VAL A 47 3.52 0.75 11.25
CA VAL A 47 3.18 0.96 12.65
C VAL A 47 4.29 0.46 13.60
N ASP A 48 5.51 0.27 13.07
CA ASP A 48 6.62 -0.14 13.92
C ASP A 48 6.95 0.91 14.99
N ARG A 49 6.73 2.18 14.70
CA ARG A 49 6.98 3.23 15.69
C ARG A 49 5.69 3.53 16.44
N GLU A 50 5.80 3.68 17.74
CA GLU A 50 4.62 3.83 18.58
C GLU A 50 4.28 5.31 18.69
N LEU A 51 3.34 5.72 17.85
CA LEU A 51 2.96 7.10 17.65
C LEU A 51 1.44 7.17 17.68
N THR A 52 0.91 8.39 17.79
CA THR A 52 -0.50 8.58 17.56
C THR A 52 -0.73 8.62 16.05
N PHE A 53 -1.63 7.78 15.58
CA PHE A 53 -1.97 7.71 14.16
C PHE A 53 -3.37 8.23 13.93
N ARG A 54 -3.59 8.72 12.71
CA ARG A 54 -4.94 8.90 12.20
C ARG A 54 -4.96 8.42 10.77
N VAL A 55 -6.16 8.08 10.33
CA VAL A 55 -6.45 7.70 8.95
C VAL A 55 -7.28 8.80 8.31
N VAL A 56 -6.90 9.18 7.09
CA VAL A 56 -7.69 10.11 6.29
C VAL A 56 -8.21 9.35 5.08
N VAL A 57 -9.53 9.35 4.93
CA VAL A 57 -10.18 8.80 3.76
C VAL A 57 -10.70 9.96 2.92
N GLY A 58 -10.91 9.71 1.64
CA GLY A 58 -11.36 10.78 0.76
C GLY A 58 -10.32 11.85 0.51
N GLU A 59 -9.05 11.53 0.72
CA GLU A 59 -7.97 12.49 0.57
C GLU A 59 -7.51 12.56 -0.88
N HIS A 60 -7.09 13.74 -1.30
CA HIS A 60 -6.51 13.90 -2.62
C HIS A 60 -5.26 14.78 -2.57
N ASN A 61 -5.41 16.00 -2.05
CA ASN A 61 -4.31 16.94 -1.89
C ASN A 61 -4.02 17.03 -0.40
N LEU A 62 -2.83 16.56 0.02
CA LEU A 62 -2.51 16.51 1.44
C LEU A 62 -2.48 17.88 2.09
N ASN A 63 -2.18 18.93 1.32
CA ASN A 63 -1.94 20.26 1.87
C ASN A 63 -3.16 21.15 1.83
N GLN A 64 -4.25 20.70 1.24
CA GLN A 64 -5.38 21.59 0.97
C GLN A 64 -6.68 20.87 1.29
N ASN A 65 -7.65 21.63 1.79
CA ASN A 65 -8.96 21.06 2.02
C ASN A 65 -9.65 20.82 0.68
N ASP A 66 -9.98 19.56 0.42
CA ASP A 66 -10.67 19.16 -0.79
C ASP A 66 -12.18 19.14 -0.62
N GLY A 67 -12.68 19.25 0.61
CA GLY A 67 -14.09 19.12 0.88
C GLY A 67 -14.64 17.71 0.84
N THR A 68 -13.77 16.69 0.82
CA THR A 68 -14.16 15.30 0.70
C THR A 68 -13.56 14.40 1.78
N GLU A 69 -12.67 14.94 2.62
CA GLU A 69 -11.92 14.13 3.57
C GLU A 69 -12.77 13.78 4.79
N GLN A 70 -12.50 12.61 5.35
CA GLN A 70 -12.93 12.27 6.69
C GLN A 70 -11.70 11.83 7.46
N TYR A 71 -11.58 12.33 8.68
CA TYR A 71 -10.42 12.08 9.55
C TYR A 71 -10.88 11.21 10.70
N VAL A 72 -10.17 10.11 10.97
CA VAL A 72 -10.60 9.18 12.01
C VAL A 72 -9.39 8.65 12.76
N GLY A 73 -9.57 8.46 14.05
CA GLY A 73 -8.52 7.86 14.86
C GLY A 73 -8.41 6.36 14.65
N VAL A 74 -7.29 5.84 15.11
CA VAL A 74 -7.01 4.41 15.08
C VAL A 74 -7.23 3.86 16.48
N GLN A 75 -8.17 2.92 16.61
CA GLN A 75 -8.55 2.37 17.90
C GLN A 75 -7.81 1.07 18.26
N LYS A 76 -7.45 0.25 17.29
CA LYS A 76 -6.73 -0.98 17.55
C LYS A 76 -5.84 -1.27 16.35
N ILE A 77 -4.64 -1.78 16.63
CA ILE A 77 -3.67 -2.17 15.63
C ILE A 77 -3.45 -3.67 15.77
N VAL A 78 -3.68 -4.41 14.71
CA VAL A 78 -3.44 -5.86 14.70
C VAL A 78 -2.39 -6.12 13.62
N VAL A 79 -1.17 -6.35 14.04
CA VAL A 79 -0.08 -6.72 13.12
C VAL A 79 -0.11 -8.23 12.96
N HIS A 80 0.33 -8.69 11.79
CA HIS A 80 0.42 -10.12 11.60
C HIS A 80 1.34 -10.69 12.68
N PRO A 81 0.94 -11.77 13.37
CA PRO A 81 1.77 -12.25 14.49
C PRO A 81 3.13 -12.77 14.11
N TYR A 82 3.38 -13.07 12.82
CA TYR A 82 4.68 -13.52 12.37
C TYR A 82 5.57 -12.39 11.85
N TRP A 83 5.08 -11.16 11.88
CA TRP A 83 5.87 -10.03 11.45
C TRP A 83 7.09 -9.83 12.36
N ASN A 84 8.23 -9.60 11.72
CA ASN A 84 9.49 -9.33 12.40
C ASN A 84 10.08 -8.07 11.78
N THR A 85 10.05 -6.96 12.52
N THR A 85 10.03 -6.97 12.55
CA THR A 85 10.52 -5.70 11.98
CA THR A 85 10.56 -5.68 12.10
C THR A 85 11.99 -5.73 11.55
C THR A 85 11.95 -5.81 11.50
N ASP A 86 12.78 -6.68 12.06
CA ASP A 86 14.18 -6.80 11.66
C ASP A 86 14.37 -7.75 10.48
N ASP A 87 13.29 -8.27 9.90
CA ASP A 87 13.36 -9.23 8.81
C ASP A 87 12.17 -8.99 7.88
N VAL A 88 12.18 -7.82 7.24
N VAL A 88 12.12 -7.84 7.22
CA VAL A 88 11.13 -7.48 6.27
CA VAL A 88 11.01 -7.56 6.31
C VAL A 88 11.05 -8.52 5.17
C VAL A 88 11.02 -8.52 5.12
N ALA A 89 12.19 -9.05 4.75
CA ALA A 89 12.24 -9.99 3.64
C ALA A 89 11.58 -11.31 3.99
N ALA A 90 11.32 -11.57 5.28
CA ALA A 90 10.63 -12.80 5.63
C ALA A 90 9.16 -12.75 5.24
N GLY A 91 8.64 -11.56 5.01
CA GLY A 91 7.24 -11.35 4.70
C GLY A 91 6.41 -10.98 5.91
N TYR A 92 5.12 -11.26 5.80
CA TYR A 92 4.15 -10.96 6.85
C TYR A 92 4.01 -9.46 7.11
N ASP A 93 4.33 -8.63 6.11
CA ASP A 93 4.30 -7.18 6.26
C ASP A 93 2.87 -6.70 6.00
N ILE A 94 2.03 -6.92 6.99
CA ILE A 94 0.62 -6.57 6.87
C ILE A 94 0.08 -6.32 8.27
N ALA A 95 -0.82 -5.33 8.36
CA ALA A 95 -1.48 -4.98 9.60
C ALA A 95 -2.88 -4.49 9.29
N LEU A 96 -3.79 -4.67 10.26
CA LEU A 96 -5.15 -4.16 10.16
C LEU A 96 -5.34 -3.14 11.26
N LEU A 97 -5.95 -2.02 10.90
CA LEU A 97 -6.22 -0.95 11.83
C LEU A 97 -7.73 -0.85 11.98
N ARG A 98 -8.22 -1.02 13.20
CA ARG A 98 -9.63 -0.79 13.47
C ARG A 98 -9.81 0.68 13.76
N LEU A 99 -10.72 1.31 13.02
CA LEU A 99 -10.92 2.74 13.13
C LEU A 99 -11.85 3.05 14.30
N ALA A 100 -11.64 4.22 14.90
CA ALA A 100 -12.41 4.62 16.07
C ALA A 100 -13.86 4.88 15.73
N GLN A 101 -14.16 5.17 14.47
CA GLN A 101 -15.52 5.35 14.00
C GLN A 101 -15.58 4.77 12.60
N SER A 102 -16.79 4.39 12.20
CA SER A 102 -17.02 3.92 10.84
C SER A 102 -17.14 5.11 9.91
N VAL A 103 -16.38 5.07 8.83
CA VAL A 103 -16.45 6.15 7.85
C VAL A 103 -17.68 5.99 6.97
N THR A 104 -18.12 7.09 6.40
CA THR A 104 -19.25 7.12 5.48
C THR A 104 -18.76 6.91 4.05
N LEU A 105 -19.42 6.00 3.35
CA LEU A 105 -19.06 5.70 1.98
C LEU A 105 -19.77 6.64 1.00
N ASN A 106 -19.05 7.02 -0.05
CA ASN A 106 -19.55 7.94 -1.09
C ASN A 106 -18.61 7.79 -2.29
N SER A 107 -18.69 8.71 -3.25
CA SER A 107 -17.86 8.51 -4.45
C SER A 107 -16.37 8.62 -4.16
N TYR A 108 -15.96 9.20 -3.03
CA TYR A 108 -14.56 9.37 -2.69
C TYR A 108 -14.07 8.38 -1.66
N VAL A 109 -14.98 7.59 -1.07
CA VAL A 109 -14.66 6.70 0.04
C VAL A 109 -15.40 5.39 -0.24
N GLN A 110 -14.66 4.34 -0.60
CA GLN A 110 -15.26 3.06 -0.91
C GLN A 110 -14.33 1.95 -0.42
N LEU A 111 -14.91 0.76 -0.22
CA LEU A 111 -14.11 -0.36 0.20
C LEU A 111 -13.28 -0.91 -0.96
N GLY A 112 -12.04 -1.26 -0.67
CA GLY A 112 -11.23 -1.91 -1.65
C GLY A 112 -11.66 -3.36 -1.83
N VAL A 113 -11.62 -3.82 -3.06
CA VAL A 113 -12.00 -5.19 -3.37
C VAL A 113 -10.77 -6.07 -3.24
N LEU A 114 -10.88 -7.15 -2.42
CA LEU A 114 -9.72 -8.01 -2.28
C LEU A 114 -9.80 -9.21 -3.21
N PRO A 115 -8.67 -9.77 -3.59
CA PRO A 115 -8.68 -10.94 -4.46
C PRO A 115 -9.17 -12.19 -3.74
N ARG A 116 -9.59 -13.17 -4.54
CA ARG A 116 -9.85 -14.49 -3.98
C ARG A 116 -8.56 -15.08 -3.42
N ALA A 117 -8.69 -15.74 -2.27
CA ALA A 117 -7.56 -16.37 -1.63
C ALA A 117 -6.79 -17.26 -2.60
N GLY A 118 -5.47 -17.14 -2.58
CA GLY A 118 -4.61 -17.98 -3.40
C GLY A 118 -4.32 -17.45 -4.79
N THR A 119 -4.96 -16.36 -5.21
CA THR A 119 -4.81 -15.89 -6.57
C THR A 119 -3.38 -15.39 -6.79
N ILE A 120 -2.76 -15.87 -7.86
CA ILE A 120 -1.43 -15.43 -8.29
C ILE A 120 -1.57 -14.89 -9.70
N LEU A 121 -1.06 -13.69 -9.94
CA LEU A 121 -1.17 -13.06 -11.24
C LEU A 121 -0.11 -13.59 -12.21
N ALA A 122 -0.52 -13.75 -13.47
CA ALA A 122 0.43 -14.06 -14.53
C ALA A 122 1.47 -12.95 -14.63
N ASN A 123 2.65 -13.31 -15.09
CA ASN A 123 3.66 -12.31 -15.34
C ASN A 123 3.10 -11.21 -16.23
N ASN A 124 3.53 -9.98 -15.96
CA ASN A 124 3.18 -8.81 -16.75
C ASN A 124 1.70 -8.47 -16.66
N SER A 125 1.03 -8.76 -15.54
CA SER A 125 -0.36 -8.41 -15.40
C SER A 125 -0.51 -6.92 -15.14
N PRO A 126 -1.61 -6.32 -15.61
CA PRO A 126 -1.77 -4.85 -15.51
C PRO A 126 -2.16 -4.43 -14.11
N CYS A 127 -1.35 -3.56 -13.51
CA CYS A 127 -1.58 -3.06 -12.17
C CYS A 127 -1.16 -1.61 -12.10
N TYR A 128 -1.72 -0.90 -11.13
CA TYR A 128 -1.34 0.48 -10.80
C TYR A 128 -0.99 0.57 -9.34
N ILE A 129 0.13 1.22 -9.02
CA ILE A 129 0.41 1.65 -7.66
C ILE A 129 -0.14 3.05 -7.48
N THR A 130 -0.67 3.36 -6.28
CA THR A 130 -1.10 4.71 -5.94
C THR A 130 -0.50 5.13 -4.61
N GLY A 131 -0.28 6.43 -4.46
CA GLY A 131 0.19 6.93 -3.18
C GLY A 131 0.67 8.36 -3.25
N TRP A 132 1.00 8.86 -2.07
CA TRP A 132 1.59 10.18 -1.93
C TRP A 132 3.09 10.12 -1.66
N GLY A 133 3.72 8.97 -1.87
CA GLY A 133 5.13 8.81 -1.55
C GLY A 133 6.03 9.68 -2.41
N LEU A 134 7.33 9.61 -2.13
CA LEU A 134 8.30 10.45 -2.82
C LEU A 134 8.16 10.33 -4.34
N THR A 135 8.34 11.46 -5.02
CA THR A 135 8.24 11.49 -6.47
C THR A 135 9.58 11.31 -7.16
N ARG A 136 10.66 11.22 -6.38
CA ARG A 136 11.99 10.90 -6.85
C ARG A 136 12.72 10.26 -5.68
N THR A 137 13.67 9.39 -5.98
CA THR A 137 14.56 8.88 -4.94
C THR A 137 15.18 10.06 -4.21
N ASN A 138 15.12 10.03 -2.88
CA ASN A 138 15.65 11.08 -2.03
C ASN A 138 14.92 12.41 -2.21
N GLY A 139 13.72 12.39 -2.76
CA GLY A 139 12.95 13.57 -3.03
C GLY A 139 11.97 13.88 -1.93
N GLN A 140 10.79 14.36 -2.32
CA GLN A 140 9.78 14.75 -1.38
C GLN A 140 8.44 14.12 -1.75
N LEU A 141 7.55 14.08 -0.76
CA LEU A 141 6.22 13.52 -0.95
C LEU A 141 5.48 14.28 -2.04
N ALA A 142 4.55 13.58 -2.67
CA ALA A 142 3.63 14.21 -3.61
C ALA A 142 2.54 14.95 -2.83
N GLN A 143 2.19 16.12 -3.32
CA GLN A 143 1.08 16.86 -2.72
C GLN A 143 -0.25 16.21 -3.08
N THR A 144 -0.38 15.74 -4.31
CA THR A 144 -1.61 15.15 -4.81
CA THR A 144 -1.61 15.13 -4.79
C THR A 144 -1.38 13.66 -5.12
N LEU A 145 -2.40 12.85 -4.91
CA LEU A 145 -2.28 11.41 -5.09
C LEU A 145 -1.77 11.10 -6.50
N GLN A 146 -0.78 10.21 -6.58
CA GLN A 146 -0.18 9.80 -7.83
C GLN A 146 -0.55 8.34 -8.13
N GLN A 147 -0.49 7.99 -9.41
CA GLN A 147 -0.64 6.62 -9.85
C GLN A 147 0.43 6.34 -10.88
N ALA A 148 0.87 5.09 -10.94
CA ALA A 148 1.78 4.66 -11.99
C ALA A 148 1.44 3.24 -12.40
N TYR A 149 1.53 2.98 -13.70
CA TYR A 149 1.30 1.66 -14.23
C TYR A 149 2.54 0.83 -13.98
N LEU A 150 2.36 -0.28 -13.23
CA LEU A 150 3.44 -1.15 -12.79
C LEU A 150 2.99 -2.58 -13.07
N PRO A 151 3.33 -3.13 -14.23
CA PRO A 151 2.95 -4.53 -14.50
C PRO A 151 3.70 -5.48 -13.58
N THR A 152 3.08 -6.60 -13.25
CA THR A 152 3.70 -7.53 -12.32
C THR A 152 4.93 -8.18 -12.95
N VAL A 153 5.83 -8.59 -12.06
CA VAL A 153 6.97 -9.43 -12.39
C VAL A 153 6.79 -10.69 -11.56
N ASP A 154 6.65 -11.84 -12.22
CA ASP A 154 6.25 -13.03 -11.48
C ASP A 154 7.39 -13.55 -10.60
N TYR A 155 7.02 -14.46 -9.70
CA TYR A 155 7.94 -14.91 -8.66
C TYR A 155 9.21 -15.49 -9.25
N ALA A 156 9.08 -16.30 -10.30
CA ALA A 156 10.25 -16.94 -10.88
C ALA A 156 11.27 -15.91 -11.36
N ILE A 157 10.80 -14.82 -11.95
CA ILE A 157 11.69 -13.75 -12.40
C ILE A 157 12.16 -12.92 -11.20
N CYS A 158 11.22 -12.53 -10.34
CA CYS A 158 11.55 -11.57 -9.31
C CYS A 158 12.54 -12.13 -8.29
N SER A 159 12.45 -13.42 -8.00
CA SER A 159 13.34 -14.06 -7.05
C SER A 159 14.60 -14.64 -7.71
N SER A 160 14.82 -14.33 -8.98
CA SER A 160 16.04 -14.77 -9.62
C SER A 160 17.18 -13.84 -9.23
N SER A 161 18.41 -14.27 -9.55
CA SER A 161 19.58 -13.61 -9.00
C SER A 161 19.76 -12.19 -9.51
N SER A 162 19.31 -11.88 -10.73
CA SER A 162 19.53 -10.52 -11.23
C SER A 162 18.44 -9.55 -10.79
N TYR A 163 17.39 -10.04 -10.15
CA TYR A 163 16.37 -9.19 -9.55
C TYR A 163 16.56 -9.14 -8.04
N TRP A 164 15.62 -9.65 -7.24
CA TRP A 164 15.75 -9.59 -5.79
C TRP A 164 16.33 -10.86 -5.18
N GLY A 165 16.49 -11.93 -5.94
CA GLY A 165 16.99 -13.15 -5.35
C GLY A 165 16.10 -13.67 -4.23
N SER A 166 16.73 -14.32 -3.26
CA SER A 166 16.03 -14.98 -2.17
C SER A 166 15.28 -14.02 -1.29
N THR A 167 15.51 -12.71 -1.43
CA THR A 167 14.81 -11.74 -0.60
C THR A 167 13.32 -11.72 -0.89
N VAL A 168 12.93 -11.99 -2.13
CA VAL A 168 11.52 -12.04 -2.48
C VAL A 168 10.98 -13.46 -2.24
N LYS A 169 9.82 -13.54 -1.62
CA LYS A 169 9.15 -14.78 -1.26
C LYS A 169 7.87 -14.91 -2.08
N ASN A 170 7.34 -16.12 -2.13
CA ASN A 170 6.09 -16.34 -2.85
C ASN A 170 4.89 -15.67 -2.21
N SER A 171 5.02 -15.18 -0.98
CA SER A 171 3.99 -14.42 -0.30
C SER A 171 4.03 -12.95 -0.65
N MET A 172 4.79 -12.60 -1.68
CA MET A 172 4.92 -11.22 -2.14
C MET A 172 4.57 -11.12 -3.62
N VAL A 173 4.19 -9.92 -4.04
CA VAL A 173 4.00 -9.58 -5.44
C VAL A 173 5.06 -8.54 -5.79
N CYS A 174 5.71 -8.70 -6.93
CA CYS A 174 6.63 -7.71 -7.47
C CYS A 174 5.95 -7.00 -8.64
N ALA A 175 6.20 -5.72 -8.77
CA ALA A 175 5.65 -5.00 -9.91
C ALA A 175 6.57 -3.86 -10.31
N GLY A 176 6.72 -3.67 -11.62
CA GLY A 176 7.50 -2.56 -12.14
C GLY A 176 8.93 -2.98 -12.49
N GLY A 177 9.90 -2.20 -12.03
CA GLY A 177 11.29 -2.47 -12.31
C GLY A 177 11.77 -1.96 -13.64
N ASP A 178 11.05 -1.03 -14.28
CA ASP A 178 11.46 -0.52 -15.59
C ASP A 178 12.48 0.61 -15.48
N GLY A 179 12.89 0.98 -14.28
CA GLY A 179 13.88 2.02 -14.09
C GLY A 179 13.35 3.44 -14.11
N VAL A 180 12.06 3.62 -14.42
CA VAL A 180 11.45 4.94 -14.52
C VAL A 180 10.31 5.10 -13.54
N ARG A 181 9.48 4.08 -13.39
CA ARG A 181 8.28 4.12 -12.56
C ARG A 181 8.43 3.17 -11.38
N SER A 182 7.96 3.59 -10.20
CA SER A 182 8.12 2.74 -9.02
C SER A 182 7.37 3.33 -7.83
N GLY A 183 7.16 2.50 -6.81
CA GLY A 183 6.87 3.00 -5.50
C GLY A 183 8.08 3.72 -4.92
N CYS A 184 7.84 4.51 -3.87
CA CYS A 184 8.93 5.17 -3.19
C CYS A 184 8.49 5.44 -1.74
N GLN A 185 9.41 5.95 -0.93
CA GLN A 185 9.13 6.14 0.50
C GLN A 185 7.83 6.91 0.69
N GLY A 186 6.97 6.38 1.57
CA GLY A 186 5.66 6.95 1.81
C GLY A 186 4.54 6.31 1.02
N ASP A 187 4.85 5.50 0.02
CA ASP A 187 3.84 4.68 -0.64
C ASP A 187 3.55 3.41 0.13
N SER A 188 4.50 2.97 0.95
CA SER A 188 4.39 1.77 1.75
C SER A 188 3.06 1.72 2.46
N GLY A 189 2.51 0.51 2.54
CA GLY A 189 1.22 0.28 3.13
C GLY A 189 0.06 0.43 2.17
N GLY A 190 0.28 1.13 1.07
CA GLY A 190 -0.79 1.40 0.15
C GLY A 190 -1.02 0.26 -0.81
N PRO A 191 -2.00 0.45 -1.68
CA PRO A 191 -2.43 -0.62 -2.59
C PRO A 191 -1.64 -0.72 -3.88
N LEU A 192 -1.60 -1.95 -4.38
CA LEU A 192 -1.35 -2.24 -5.78
C LEU A 192 -2.68 -2.75 -6.32
N HIS A 193 -3.27 -1.99 -7.25
CA HIS A 193 -4.56 -2.32 -7.82
C HIS A 193 -4.33 -3.05 -9.12
N CYS A 194 -4.86 -4.25 -9.28
CA CYS A 194 -4.64 -5.03 -10.48
C CYS A 194 -5.96 -5.38 -11.13
N LEU A 195 -5.99 -5.30 -12.46
CA LEU A 195 -7.20 -5.54 -13.23
C LEU A 195 -7.35 -7.04 -13.47
N VAL A 196 -8.43 -7.62 -12.96
CA VAL A 196 -8.70 -9.04 -13.06
C VAL A 196 -10.18 -9.22 -13.36
N ASN A 197 -10.50 -9.88 -14.48
CA ASN A 197 -11.90 -10.08 -14.90
C ASN A 197 -12.68 -8.76 -14.96
N GLY A 198 -12.03 -7.72 -15.48
CA GLY A 198 -12.64 -6.43 -15.67
C GLY A 198 -12.76 -5.56 -14.44
N GLN A 199 -12.31 -6.02 -13.27
CA GLN A 199 -12.48 -5.30 -12.02
C GLN A 199 -11.11 -5.11 -11.40
N TYR A 200 -10.84 -3.91 -10.87
CA TYR A 200 -9.64 -3.68 -10.10
C TYR A 200 -9.81 -4.22 -8.69
N ALA A 201 -8.80 -4.95 -8.24
CA ALA A 201 -8.76 -5.49 -6.90
C ALA A 201 -7.38 -5.21 -6.32
N VAL A 202 -7.31 -5.13 -5.00
CA VAL A 202 -6.08 -4.76 -4.32
C VAL A 202 -5.29 -6.05 -4.07
N HIS A 203 -4.30 -6.32 -4.91
CA HIS A 203 -3.49 -7.52 -4.80
C HIS A 203 -2.23 -7.32 -3.99
N GLY A 204 -1.81 -6.09 -3.76
CA GLY A 204 -0.59 -5.84 -3.01
C GLY A 204 -0.74 -4.76 -1.96
N VAL A 205 0.07 -4.90 -0.91
CA VAL A 205 0.33 -3.86 0.10
C VAL A 205 1.80 -3.49 -0.02
N THR A 206 2.09 -2.25 -0.40
CA THR A 206 3.46 -1.87 -0.68
C THR A 206 4.34 -2.11 0.54
N SER A 207 5.45 -2.83 0.34
CA SER A 207 6.30 -3.27 1.45
C SER A 207 7.71 -2.72 1.38
N PHE A 208 8.42 -2.86 0.26
CA PHE A 208 9.76 -2.30 0.23
C PHE A 208 10.21 -1.99 -1.18
N VAL A 209 11.19 -1.10 -1.24
CA VAL A 209 11.93 -0.77 -2.46
C VAL A 209 13.42 -0.97 -2.17
N SER A 210 14.22 -0.87 -3.23
CA SER A 210 15.67 -1.05 -3.10
C SER A 210 16.33 0.08 -2.32
N ARG A 211 17.32 -0.30 -1.51
CA ARG A 211 18.20 0.65 -0.85
C ARG A 211 18.93 1.52 -1.86
N LEU A 212 19.09 1.02 -3.08
CA LEU A 212 19.86 1.71 -4.11
C LEU A 212 19.03 2.74 -4.85
N GLY A 213 17.74 2.79 -4.61
CA GLY A 213 16.88 3.79 -5.21
C GLY A 213 15.50 3.22 -5.43
N CYS A 214 14.53 4.13 -5.57
CA CYS A 214 13.15 3.71 -5.76
C CYS A 214 12.95 3.08 -7.13
N ASN A 215 13.31 3.81 -8.18
CA ASN A 215 13.18 3.35 -9.57
C ASN A 215 14.55 2.84 -10.01
N VAL A 216 14.72 1.54 -9.89
CA VAL A 216 15.98 0.89 -10.24
C VAL A 216 15.65 -0.31 -11.13
N THR A 217 16.33 -0.40 -12.26
CA THR A 217 16.07 -1.48 -13.19
C THR A 217 16.29 -2.83 -12.51
N ARG A 218 15.32 -3.72 -12.64
CA ARG A 218 15.37 -5.07 -12.07
C ARG A 218 15.29 -5.10 -10.55
N LYS A 219 14.85 -4.00 -9.94
N LYS A 219 14.86 -4.01 -9.93
CA LYS A 219 14.47 -3.98 -8.52
CA LYS A 219 14.47 -3.98 -8.52
C LYS A 219 13.03 -3.49 -8.48
C LYS A 219 13.04 -3.49 -8.46
N PRO A 220 12.08 -4.29 -8.93
CA PRO A 220 10.68 -3.88 -8.88
C PRO A 220 10.27 -3.60 -7.45
N THR A 221 9.24 -2.76 -7.32
CA THR A 221 8.63 -2.55 -6.02
C THR A 221 8.06 -3.87 -5.53
N VAL A 222 8.19 -4.13 -4.23
CA VAL A 222 7.73 -5.39 -3.65
C VAL A 222 6.59 -5.12 -2.70
N PHE A 223 5.55 -5.94 -2.81
CA PHE A 223 4.30 -5.81 -2.09
C PHE A 223 3.98 -7.12 -1.38
N THR A 224 3.37 -7.01 -0.21
CA THR A 224 2.78 -8.17 0.41
C THR A 224 1.63 -8.65 -0.47
N ARG A 225 1.57 -9.96 -0.74
CA ARG A 225 0.54 -10.53 -1.58
C ARG A 225 -0.74 -10.70 -0.77
N VAL A 226 -1.71 -9.84 -1.01
CA VAL A 226 -2.94 -9.83 -0.22
C VAL A 226 -3.62 -11.19 -0.25
N SER A 227 -3.57 -11.88 -1.40
CA SER A 227 -4.33 -13.13 -1.52
C SER A 227 -3.73 -14.25 -0.69
N ALA A 228 -2.53 -14.08 -0.14
CA ALA A 228 -1.97 -15.02 0.82
C ALA A 228 -2.53 -14.84 2.23
N TYR A 229 -3.28 -13.76 2.47
CA TYR A 229 -3.68 -13.37 3.81
C TYR A 229 -5.19 -13.23 3.99
N ILE A 230 -5.99 -13.70 3.02
CA ILE A 230 -7.43 -13.53 3.10
C ILE A 230 -7.99 -14.16 4.37
N SER A 231 -7.57 -15.41 4.68
CA SER A 231 -8.07 -16.04 5.89
C SER A 231 -7.68 -15.25 7.14
N TRP A 232 -6.42 -14.80 7.19
CA TRP A 232 -5.98 -14.02 8.33
C TRP A 232 -6.80 -12.74 8.47
N ILE A 233 -6.96 -12.01 7.37
CA ILE A 233 -7.76 -10.79 7.40
C ILE A 233 -9.15 -11.08 7.95
N ASN A 234 -9.82 -12.09 7.39
CA ASN A 234 -11.18 -12.38 7.82
C ASN A 234 -11.23 -12.83 9.28
N ASN A 235 -10.24 -13.61 9.70
CA ASN A 235 -10.18 -14.03 11.09
C ASN A 235 -10.03 -12.84 12.03
N VAL A 236 -9.19 -11.88 11.67
CA VAL A 236 -9.03 -10.69 12.52
C VAL A 236 -10.36 -9.93 12.60
N ILE A 237 -10.97 -9.65 11.47
CA ILE A 237 -12.18 -8.84 11.47
C ILE A 237 -13.27 -9.54 12.28
N ALA A 238 -13.41 -10.86 12.12
CA ALA A 238 -14.47 -11.59 12.79
C ALA A 238 -14.25 -11.69 14.30
N SER A 239 -13.01 -11.66 14.75
CA SER A 239 -12.73 -11.81 16.17
C SER A 239 -12.50 -10.48 16.88
N ASN A 240 -12.61 -9.36 16.17
CA ASN A 240 -12.47 -8.04 16.76
C ASN A 240 -13.68 -7.20 16.35
#